data_3S0Y
#
_entry.id   3S0Y
#
_cell.length_a   75.210
_cell.length_b   75.210
_cell.length_c   124.707
_cell.angle_alpha   90.000
_cell.angle_beta   90.000
_cell.angle_gamma   90.000
#
_symmetry.space_group_name_H-M   'P 43 21 2'
#
loop_
_entity.id
_entity.type
_entity.pdbx_description
1 polymer 'Motility protein B'
2 non-polymer 'SULFATE ION'
3 water water
#
_entity_poly.entity_id   1
_entity_poly.type   'polypeptide(L)'
_entity_poly.pdbx_seq_one_letter_code
;MQPVVVIPPDSGKEEEQMASESSKPASQNTETKATIARKGEGSVLEQIDQGSILKLPSNLLFENATSDAINQDMMLYIER
IAKIIQKLPKRVHINVRGFTDDTPLVKTRFKSHYELAANRAYRVMKVLIQYGVNPNQLSFSSYGSTNPIAPNDSLENRMK
NNRVEIFFSTDANDLSKIHSILDNEFNPHKQQE
;
_entity_poly.pdbx_strand_id   A,B
#
loop_
_chem_comp.id
_chem_comp.type
_chem_comp.name
_chem_comp.formula
SO4 non-polymer 'SULFATE ION' 'O4 S -2'
#
# COMPACT_ATOMS: atom_id res chain seq x y z
N MET A 1 -40.36 -3.55 44.96
CA MET A 1 -39.60 -4.79 45.29
C MET A 1 -39.77 -5.82 44.17
N GLN A 2 -40.51 -6.89 44.43
CA GLN A 2 -40.63 -8.00 43.48
C GLN A 2 -42.03 -8.61 43.48
N PRO A 3 -42.52 -9.04 42.29
CA PRO A 3 -43.77 -9.81 42.26
C PRO A 3 -43.66 -11.03 43.19
N VAL A 4 -44.78 -11.50 43.71
N VAL A 4 -44.81 -11.47 43.68
CA VAL A 4 -44.74 -12.73 44.52
CA VAL A 4 -44.89 -12.66 44.49
C VAL A 4 -44.59 -13.95 43.63
C VAL A 4 -44.64 -13.92 43.64
N VAL A 5 -45.03 -13.85 42.37
CA VAL A 5 -44.72 -14.88 41.39
C VAL A 5 -43.84 -14.28 40.32
N VAL A 6 -42.55 -14.52 40.46
CA VAL A 6 -41.56 -14.02 39.52
C VAL A 6 -41.41 -14.98 38.37
N ILE A 7 -41.66 -14.49 37.17
CA ILE A 7 -41.55 -15.30 35.95
C ILE A 7 -40.68 -14.52 34.96
N PRO A 8 -39.37 -14.83 34.94
CA PRO A 8 -38.50 -14.01 34.09
C PRO A 8 -38.89 -14.17 32.62
N PRO A 9 -38.87 -13.06 31.86
CA PRO A 9 -39.08 -13.19 30.43
C PRO A 9 -37.81 -13.70 29.77
N ASP A 10 -37.87 -13.95 28.46
CA ASP A 10 -36.68 -14.33 27.72
C ASP A 10 -35.63 -13.23 27.82
N SER A 11 -34.37 -13.61 27.65
CA SER A 11 -33.30 -12.65 27.56
C SER A 11 -33.69 -11.59 26.50
N GLY A 12 -33.48 -10.31 26.81
CA GLY A 12 -33.85 -9.22 25.89
C GLY A 12 -32.74 -8.22 25.60
N LYS A 13 -33.14 -7.05 25.10
CA LYS A 13 -32.18 -6.02 24.67
C LYS A 13 -31.47 -5.32 25.82
N GLU A 14 -32.07 -5.36 27.01
CA GLU A 14 -31.44 -4.86 28.22
C GLU A 14 -30.17 -5.67 28.51
N GLU A 15 -30.31 -6.99 28.43
CA GLU A 15 -29.19 -7.90 28.69
C GLU A 15 -28.12 -7.89 27.58
N GLU A 16 -28.53 -7.53 26.36
CA GLU A 16 -27.58 -7.38 25.26
C GLU A 16 -26.70 -6.14 25.44
N GLN A 17 -27.35 -5.00 25.70
N GLN A 17 -27.34 -5.01 25.72
CA GLN A 17 -26.65 -3.72 25.88
CA GLN A 17 -26.63 -3.73 25.86
C GLN A 17 -25.80 -3.65 27.15
C GLN A 17 -25.81 -3.63 27.16
N MET A 18 -26.13 -4.45 28.15
CA MET A 18 -25.33 -4.51 29.41
C MET A 18 -24.00 -5.23 29.15
N ALA A 19 -24.08 -6.34 28.42
CA ALA A 19 -22.90 -7.14 28.07
C ALA A 19 -22.21 -6.59 26.83
N SER A 20 -22.90 -5.70 26.10
CA SER A 20 -22.33 -5.07 24.91
C SER A 20 -21.37 -3.91 25.23
N GLU A 21 -20.76 -3.95 26.41
CA GLU A 21 -19.71 -3.00 26.79
C GLU A 21 -18.34 -3.67 26.87
N SER A 22 -18.27 -4.95 26.46
CA SER A 22 -17.03 -5.73 26.52
C SER A 22 -15.99 -5.18 25.53
N SER A 23 -14.73 -5.15 25.97
CA SER A 23 -13.63 -4.68 25.13
C SER A 23 -12.29 -5.06 25.74
N LYS A 24 -11.21 -4.74 25.03
CA LYS A 24 -9.85 -5.04 25.49
C LYS A 24 -9.53 -4.27 26.77
N PRO A 25 -8.97 -4.97 27.79
CA PRO A 25 -8.42 -4.29 28.98
C PRO A 25 -7.53 -3.11 28.66
N ALA A 26 -6.62 -3.28 27.69
CA ALA A 26 -5.76 -2.20 27.23
C ALA A 26 -6.31 -1.63 25.92
N SER A 27 -7.22 -0.66 26.05
CA SER A 27 -7.89 -0.05 24.90
C SER A 27 -7.15 1.21 24.41
N GLN A 28 -6.23 1.02 23.46
CA GLN A 28 -5.52 2.15 22.86
C GLN A 28 -6.15 2.50 21.53
N ASN A 29 -6.16 3.80 21.22
CA ASN A 29 -6.78 4.29 19.98
C ASN A 29 -5.78 5.06 19.12
N THR A 30 -5.40 4.45 18.02
CA THR A 30 -4.34 4.98 17.18
C THR A 30 -4.88 5.76 15.98
N GLU A 31 -6.16 6.13 16.05
CA GLU A 31 -6.81 6.96 15.03
C GLU A 31 -7.35 8.22 15.65
N THR A 32 -7.29 9.30 14.87
CA THR A 32 -7.90 10.54 15.26
C THR A 32 -8.60 11.12 14.05
N LYS A 33 -9.70 11.82 14.31
CA LYS A 33 -10.45 12.48 13.26
C LYS A 33 -9.57 13.62 12.75
N ALA A 34 -9.49 13.76 11.43
CA ALA A 34 -8.62 14.76 10.81
C ALA A 34 -9.50 15.82 10.16
N THR A 35 -8.99 17.04 10.09
CA THR A 35 -9.71 18.15 9.46
C THR A 35 -8.78 18.77 8.44
N ILE A 36 -9.04 18.51 7.16
CA ILE A 36 -8.27 19.13 6.08
C ILE A 36 -8.91 20.49 5.76
N ALA A 37 -8.08 21.54 5.74
CA ALA A 37 -8.50 22.90 5.32
C ALA A 37 -9.52 23.60 6.23
N ARG A 38 -9.59 23.18 7.50
CA ARG A 38 -10.61 23.65 8.44
C ARG A 38 -12.06 23.43 7.93
N LYS A 39 -12.24 22.49 7.00
CA LYS A 39 -13.57 22.19 6.45
C LYS A 39 -13.70 20.83 5.73
N GLY A 40 -12.69 19.96 5.84
CA GLY A 40 -12.67 18.67 5.12
C GLY A 40 -12.82 17.47 6.03
N GLU A 41 -14.05 16.94 6.11
CA GLU A 41 -14.55 16.14 7.24
C GLU A 41 -14.80 14.66 6.92
N GLY A 42 -14.61 13.82 7.93
CA GLY A 42 -14.64 12.37 7.77
C GLY A 42 -13.26 11.76 7.53
N SER A 43 -12.23 12.58 7.35
N SER A 43 -12.23 12.59 7.37
CA SER A 43 -10.86 12.04 7.22
CA SER A 43 -10.86 12.11 7.23
C SER A 43 -10.35 11.60 8.60
C SER A 43 -10.35 11.56 8.57
N VAL A 44 -9.50 10.56 8.61
N VAL A 44 -9.31 10.73 8.49
CA VAL A 44 -8.80 10.17 9.82
CA VAL A 44 -8.78 10.06 9.68
C VAL A 44 -7.30 10.04 9.58
C VAL A 44 -7.26 9.97 9.57
N LEU A 45 -6.53 10.28 10.65
CA LEU A 45 -5.10 10.08 10.66
C LEU A 45 -4.81 8.89 11.57
N GLU A 46 -4.19 7.87 11.03
CA GLU A 46 -3.86 6.67 11.80
C GLU A 46 -2.36 6.53 11.94
N GLN A 47 -1.91 6.14 13.14
CA GLN A 47 -0.49 5.82 13.35
C GLN A 47 -0.33 4.32 13.42
N ILE A 48 0.61 3.79 12.65
CA ILE A 48 1.07 2.41 12.82
C ILE A 48 2.56 2.48 13.12
N ASP A 49 3.16 1.36 13.46
CA ASP A 49 4.50 1.42 13.98
C ASP A 49 5.54 1.72 12.91
N GLN A 50 5.19 1.50 11.64
CA GLN A 50 6.10 1.78 10.51
C GLN A 50 5.80 3.11 9.79
N GLY A 51 4.79 3.85 10.23
CA GLY A 51 4.38 5.03 9.48
C GLY A 51 3.05 5.62 9.86
N SER A 52 2.63 6.63 9.11
CA SER A 52 1.37 7.32 9.30
C SER A 52 0.48 7.14 8.08
N ILE A 53 -0.83 7.01 8.31
CA ILE A 53 -1.79 6.85 7.24
C ILE A 53 -2.86 7.95 7.34
N LEU A 54 -2.98 8.76 6.30
CA LEU A 54 -4.09 9.70 6.18
C LEU A 54 -5.16 9.04 5.30
N LYS A 55 -6.34 8.84 5.88
CA LYS A 55 -7.44 8.18 5.16
C LYS A 55 -8.51 9.21 4.77
N LEU A 56 -8.80 9.24 3.47
CA LEU A 56 -9.70 10.20 2.86
C LEU A 56 -10.89 9.47 2.25
N PRO A 57 -12.10 9.77 2.75
CA PRO A 57 -13.28 9.20 2.10
C PRO A 57 -13.40 9.66 0.66
N SER A 58 -13.96 8.80 -0.17
CA SER A 58 -14.08 9.03 -1.61
C SER A 58 -14.56 10.41 -1.97
N ASN A 59 -15.59 10.86 -1.25
CA ASN A 59 -16.27 12.09 -1.55
C ASN A 59 -15.46 13.37 -1.29
N LEU A 60 -14.38 13.27 -0.53
CA LEU A 60 -13.44 14.38 -0.37
C LEU A 60 -12.49 14.55 -1.57
N LEU A 61 -12.58 13.67 -2.56
CA LEU A 61 -11.60 13.67 -3.67
C LEU A 61 -12.26 13.53 -5.03
N PHE A 62 -13.16 12.56 -5.16
CA PHE A 62 -13.70 12.19 -6.47
C PHE A 62 -15.16 12.52 -6.63
N GLU A 63 -15.57 12.73 -7.87
N GLU A 63 -15.56 12.73 -7.88
CA GLU A 63 -16.96 13.06 -8.13
CA GLU A 63 -16.94 13.05 -8.20
C GLU A 63 -17.87 11.85 -7.87
C GLU A 63 -17.86 11.86 -7.90
N ASN A 64 -17.35 10.64 -8.02
CA ASN A 64 -18.07 9.45 -7.53
C ASN A 64 -17.14 8.28 -7.23
N ALA A 65 -17.66 7.23 -6.65
CA ALA A 65 -16.87 6.07 -6.22
C ALA A 65 -16.49 5.10 -7.35
N THR A 66 -17.00 5.32 -8.56
CA THR A 66 -16.62 4.45 -9.67
C THR A 66 -15.94 5.21 -10.80
N SER A 67 -15.33 6.35 -10.46
CA SER A 67 -14.67 7.19 -11.42
C SER A 67 -13.36 7.71 -10.87
N ASP A 68 -12.49 8.13 -11.77
CA ASP A 68 -11.23 8.75 -11.39
C ASP A 68 -11.27 10.24 -11.69
N ALA A 69 -12.47 10.80 -11.84
CA ALA A 69 -12.61 12.24 -12.07
C ALA A 69 -12.54 13.00 -10.75
N ILE A 70 -11.48 13.80 -10.58
CA ILE A 70 -11.33 14.59 -9.37
C ILE A 70 -12.39 15.66 -9.36
N ASN A 71 -13.10 15.74 -8.25
CA ASN A 71 -14.07 16.79 -8.07
C ASN A 71 -13.34 18.12 -7.90
N GLN A 72 -13.46 19.02 -8.87
CA GLN A 72 -12.66 20.26 -8.88
C GLN A 72 -12.87 21.14 -7.62
N ASP A 73 -14.02 20.99 -6.96
CA ASP A 73 -14.26 21.67 -5.68
C ASP A 73 -13.33 21.19 -4.57
N MET A 74 -12.72 20.02 -4.76
CA MET A 74 -11.85 19.42 -3.76
C MET A 74 -10.37 19.63 -4.04
N MET A 75 -10.02 20.30 -5.13
CA MET A 75 -8.62 20.57 -5.46
C MET A 75 -7.91 21.20 -4.26
N LEU A 76 -8.61 22.05 -3.51
CA LEU A 76 -8.00 22.70 -2.36
C LEU A 76 -7.68 21.76 -1.19
N TYR A 77 -8.35 20.61 -1.08
CA TYR A 77 -7.96 19.63 -0.07
C TYR A 77 -6.65 18.99 -0.45
N ILE A 78 -6.47 18.68 -1.73
CA ILE A 78 -5.20 18.11 -2.12
C ILE A 78 -4.09 19.13 -1.97
N GLU A 79 -4.35 20.40 -2.29
CA GLU A 79 -3.32 21.44 -2.10
C GLU A 79 -2.81 21.49 -0.65
N ARG A 80 -3.73 21.40 0.31
CA ARG A 80 -3.37 21.40 1.73
C ARG A 80 -2.50 20.22 2.14
N ILE A 81 -2.82 19.05 1.62
CA ILE A 81 -1.97 17.90 1.87
C ILE A 81 -0.60 18.14 1.24
N ALA A 82 -0.56 18.67 0.02
CA ALA A 82 0.72 18.96 -0.63
C ALA A 82 1.53 19.93 0.18
N LYS A 83 0.89 20.97 0.72
CA LYS A 83 1.63 21.94 1.54
C LYS A 83 2.27 21.28 2.75
N ILE A 84 1.52 20.44 3.44
CA ILE A 84 2.06 19.78 4.64
C ILE A 84 3.21 18.84 4.29
N ILE A 85 3.10 18.14 3.16
CA ILE A 85 4.16 17.21 2.73
C ILE A 85 5.44 17.95 2.43
N GLN A 86 5.29 19.15 1.88
CA GLN A 86 6.43 19.97 1.57
C GLN A 86 7.12 20.38 2.89
N LYS A 87 6.43 20.30 4.02
CA LYS A 87 7.07 20.48 5.35
C LYS A 87 7.75 19.21 5.92
N LEU A 88 7.77 18.11 5.16
CA LEU A 88 8.51 16.91 5.55
C LEU A 88 9.83 16.88 4.77
N PRO A 89 10.88 16.24 5.34
CA PRO A 89 12.15 16.09 4.61
C PRO A 89 12.08 15.12 3.45
N LYS A 90 13.05 15.23 2.56
CA LYS A 90 13.05 14.44 1.33
C LYS A 90 13.26 12.94 1.63
N ARG A 91 13.69 12.64 2.85
CA ARG A 91 13.73 11.28 3.42
C ARG A 91 12.38 10.56 3.40
N VAL A 92 11.32 11.33 3.58
CA VAL A 92 9.99 10.76 3.71
C VAL A 92 9.43 10.35 2.36
N HIS A 93 8.92 9.12 2.27
CA HIS A 93 8.26 8.66 1.04
C HIS A 93 6.76 8.63 1.26
N ILE A 94 6.05 8.91 0.19
CA ILE A 94 4.62 9.09 0.23
C ILE A 94 4.01 8.14 -0.79
N ASN A 95 3.17 7.25 -0.29
CA ASN A 95 2.51 6.26 -1.12
C ASN A 95 1.00 6.49 -1.12
N VAL A 96 0.45 6.79 -2.29
CA VAL A 96 -0.97 7.09 -2.46
C VAL A 96 -1.64 5.76 -2.80
N ARG A 97 -2.60 5.32 -1.98
CA ARG A 97 -3.19 3.96 -2.11
C ARG A 97 -4.70 4.05 -2.42
N GLY A 98 -5.09 3.31 -3.45
CA GLY A 98 -6.43 3.22 -3.94
C GLY A 98 -7.12 1.92 -3.55
N PHE A 99 -8.40 2.04 -3.28
CA PHE A 99 -9.27 0.96 -2.81
C PHE A 99 -10.65 1.10 -3.44
N THR A 100 -11.30 -0.03 -3.73
CA THR A 100 -12.67 0.00 -4.18
C THR A 100 -13.55 -0.94 -3.38
N ASP A 101 -14.85 -0.77 -3.55
CA ASP A 101 -15.82 -1.79 -3.15
C ASP A 101 -16.10 -2.77 -4.31
N ASP A 102 -17.21 -3.51 -4.22
CA ASP A 102 -17.56 -4.50 -5.24
C ASP A 102 -18.53 -3.99 -6.33
N THR A 103 -18.67 -2.68 -6.47
CA THR A 103 -19.61 -2.12 -7.43
C THR A 103 -19.27 -2.60 -8.84
N PRO A 104 -20.29 -3.09 -9.60
CA PRO A 104 -20.08 -3.49 -10.99
C PRO A 104 -19.55 -2.34 -11.85
N LEU A 105 -18.59 -2.66 -12.72
CA LEU A 105 -17.87 -1.64 -13.48
C LEU A 105 -18.27 -1.56 -14.95
N VAL A 106 -19.26 -2.35 -15.36
CA VAL A 106 -19.66 -2.44 -16.77
C VAL A 106 -20.08 -1.11 -17.44
N LYS A 107 -20.63 -0.17 -16.67
N LYS A 107 -20.61 -0.17 -16.67
CA LYS A 107 -21.02 1.15 -17.20
CA LYS A 107 -21.02 1.13 -17.21
C LYS A 107 -19.88 2.16 -17.29
C LYS A 107 -19.91 2.18 -17.13
N THR A 108 -18.67 1.74 -16.92
CA THR A 108 -17.49 2.62 -16.89
C THR A 108 -16.47 2.10 -17.93
N ARG A 109 -15.34 2.79 -18.08
CA ARG A 109 -14.27 2.28 -18.96
C ARG A 109 -13.36 1.27 -18.25
N PHE A 110 -13.57 1.10 -16.94
CA PHE A 110 -12.71 0.22 -16.15
C PHE A 110 -13.04 -1.25 -16.32
N LYS A 111 -12.00 -2.07 -16.40
CA LYS A 111 -12.16 -3.52 -16.60
C LYS A 111 -11.99 -4.29 -15.30
N SER A 112 -11.50 -3.66 -14.25
CA SER A 112 -11.26 -4.37 -12.98
C SER A 112 -11.24 -3.37 -11.88
N HIS A 113 -11.50 -3.85 -10.66
CA HIS A 113 -11.38 -2.99 -9.49
C HIS A 113 -9.94 -2.62 -9.23
N TYR A 114 -9.00 -3.52 -9.51
CA TYR A 114 -7.58 -3.15 -9.40
C TYR A 114 -7.25 -1.95 -10.28
N GLU A 115 -7.76 -1.95 -11.52
CA GLU A 115 -7.56 -0.87 -12.46
C GLU A 115 -8.17 0.43 -11.95
N LEU A 116 -9.42 0.39 -11.48
CA LEU A 116 -10.09 1.57 -10.98
C LEU A 116 -9.30 2.19 -9.82
N ALA A 117 -8.94 1.34 -8.85
CA ALA A 117 -8.15 1.77 -7.71
C ALA A 117 -6.81 2.36 -8.13
N ALA A 118 -6.16 1.74 -9.10
CA ALA A 118 -4.86 2.27 -9.60
C ALA A 118 -5.03 3.69 -10.19
N ASN A 119 -6.04 3.87 -11.02
CA ASN A 119 -6.30 5.18 -11.63
C ASN A 119 -6.65 6.25 -10.62
N ARG A 120 -7.45 5.91 -9.62
CA ARG A 120 -7.75 6.83 -8.56
C ARG A 120 -6.51 7.30 -7.78
N ALA A 121 -5.65 6.36 -7.41
CA ALA A 121 -4.44 6.67 -6.68
C ALA A 121 -3.46 7.48 -7.54
N TYR A 122 -3.31 7.08 -8.81
CA TYR A 122 -2.51 7.81 -9.78
C TYR A 122 -2.96 9.26 -9.91
N ARG A 123 -4.27 9.48 -10.07
CA ARG A 123 -4.76 10.82 -10.28
C ARG A 123 -4.44 11.68 -9.05
N VAL A 124 -4.67 11.16 -7.86
CA VAL A 124 -4.35 11.91 -6.62
C VAL A 124 -2.84 12.28 -6.57
N MET A 125 -1.99 11.31 -6.84
CA MET A 125 -0.55 11.51 -6.94
C MET A 125 -0.21 12.64 -7.91
N LYS A 126 -0.84 12.63 -9.09
CA LYS A 126 -0.54 13.64 -10.10
C LYS A 126 -0.95 15.02 -9.62
N VAL A 127 -2.10 15.12 -8.93
CA VAL A 127 -2.50 16.43 -8.38
C VAL A 127 -1.56 16.91 -7.27
N LEU A 128 -1.06 16.00 -6.43
CA LEU A 128 -0.03 16.37 -5.46
C LEU A 128 1.21 16.95 -6.16
N ILE A 129 1.54 16.35 -7.30
CA ILE A 129 2.68 16.83 -8.09
C ILE A 129 2.38 18.22 -8.66
N GLN A 130 1.16 18.41 -9.14
CA GLN A 130 0.76 19.73 -9.62
C GLN A 130 0.98 20.79 -8.53
N TYR A 131 0.67 20.44 -7.30
CA TYR A 131 0.86 21.34 -6.17
C TYR A 131 2.26 21.33 -5.55
N GLY A 132 3.24 20.71 -6.18
CA GLY A 132 4.62 20.91 -5.80
C GLY A 132 5.37 19.77 -5.12
N VAL A 133 4.70 18.64 -4.84
CA VAL A 133 5.37 17.52 -4.20
C VAL A 133 6.33 16.95 -5.21
N ASN A 134 7.56 16.62 -4.78
CA ASN A 134 8.54 16.08 -5.69
C ASN A 134 8.10 14.67 -6.12
N PRO A 135 8.02 14.40 -7.45
CA PRO A 135 7.68 13.03 -7.89
C PRO A 135 8.61 11.96 -7.31
N ASN A 136 9.86 12.32 -7.00
CA ASN A 136 10.81 11.36 -6.43
C ASN A 136 10.47 10.91 -5.00
N GLN A 137 9.47 11.54 -4.37
CA GLN A 137 8.97 11.10 -3.09
C GLN A 137 7.62 10.36 -3.14
N LEU A 138 7.09 10.15 -4.34
CA LEU A 138 5.74 9.63 -4.50
C LEU A 138 5.67 8.36 -5.29
N SER A 139 4.64 7.58 -4.95
CA SER A 139 4.28 6.43 -5.71
C SER A 139 2.76 6.23 -5.51
N PHE A 140 2.16 5.36 -6.32
CA PHE A 140 0.76 5.01 -6.16
C PHE A 140 0.59 3.48 -6.16
N SER A 141 -0.42 3.04 -5.43
CA SER A 141 -0.70 1.63 -5.25
C SER A 141 -2.18 1.36 -5.40
N SER A 142 -2.47 0.12 -5.80
CA SER A 142 -3.82 -0.38 -5.87
C SER A 142 -4.01 -1.66 -5.06
N TYR A 143 -5.08 -1.66 -4.25
CA TYR A 143 -5.49 -2.81 -3.40
C TYR A 143 -6.73 -3.47 -4.00
N GLY A 144 -7.29 -2.86 -5.05
CA GLY A 144 -8.57 -3.33 -5.61
C GLY A 144 -9.64 -3.35 -4.52
N SER A 145 -10.45 -4.40 -4.52
CA SER A 145 -11.63 -4.50 -3.66
C SER A 145 -11.50 -5.32 -2.37
N THR A 146 -10.32 -5.79 -2.02
CA THR A 146 -10.26 -6.81 -0.96
C THR A 146 -9.76 -6.37 0.42
N ASN A 147 -9.65 -5.07 0.64
N ASN A 147 -9.67 -5.06 0.62
CA ASN A 147 -9.38 -4.57 1.98
CA ASN A 147 -9.35 -4.49 1.92
C ASN A 147 -10.45 -3.57 2.44
C ASN A 147 -10.46 -3.54 2.41
N PRO A 148 -11.68 -4.07 2.63
CA PRO A 148 -12.80 -3.23 3.04
C PRO A 148 -12.61 -2.71 4.47
N ILE A 149 -13.25 -1.57 4.78
CA ILE A 149 -13.22 -1.08 6.15
CA ILE A 149 -13.27 -0.98 6.13
C ILE A 149 -14.48 -1.47 6.90
N ALA A 150 -15.62 -1.43 6.23
CA ALA A 150 -16.89 -1.62 6.87
C ALA A 150 -17.81 -2.35 5.91
N PRO A 151 -18.94 -2.86 6.43
CA PRO A 151 -19.92 -3.39 5.50
C PRO A 151 -20.37 -2.28 4.56
N ASN A 152 -20.78 -2.61 3.35
CA ASN A 152 -21.05 -1.60 2.33
C ASN A 152 -22.52 -1.22 2.28
N ASP A 153 -23.09 -1.00 3.46
CA ASP A 153 -24.53 -0.83 3.65
C ASP A 153 -25.03 0.59 3.98
N SER A 154 -24.21 1.59 3.75
CA SER A 154 -24.59 2.98 3.98
C SER A 154 -23.69 3.85 3.13
N LEU A 155 -24.13 5.07 2.84
CA LEU A 155 -23.34 5.99 2.03
C LEU A 155 -22.01 6.21 2.71
N GLU A 156 -22.04 6.51 4.00
CA GLU A 156 -20.82 6.75 4.77
C GLU A 156 -19.81 5.58 4.68
N ASN A 157 -20.32 4.36 4.82
CA ASN A 157 -19.46 3.19 4.72
C ASN A 157 -18.92 2.98 3.30
N ARG A 158 -19.75 3.23 2.30
CA ARG A 158 -19.27 3.17 0.93
C ARG A 158 -18.15 4.18 0.67
N MET A 159 -18.23 5.36 1.28
CA MET A 159 -17.22 6.37 1.05
C MET A 159 -15.89 5.95 1.71
N LYS A 160 -15.98 5.23 2.82
CA LYS A 160 -14.83 4.66 3.49
C LYS A 160 -14.23 3.52 2.71
N ASN A 161 -15.06 2.66 2.15
CA ASN A 161 -14.57 1.50 1.39
C ASN A 161 -13.89 1.89 0.08
N ASN A 162 -14.28 3.04 -0.47
CA ASN A 162 -13.67 3.59 -1.66
C ASN A 162 -12.66 4.72 -1.38
N ARG A 163 -12.08 4.68 -0.19
CA ARG A 163 -11.14 5.75 0.28
C ARG A 163 -9.86 5.76 -0.52
N VAL A 164 -9.14 6.85 -0.43
CA VAL A 164 -7.72 6.86 -0.78
C VAL A 164 -6.95 6.99 0.55
N GLU A 165 -5.89 6.22 0.70
CA GLU A 165 -5.00 6.34 1.85
C GLU A 165 -3.68 6.91 1.36
N ILE A 166 -3.13 7.82 2.15
CA ILE A 166 -1.79 8.34 1.90
CA ILE A 166 -1.80 8.41 1.92
C ILE A 166 -0.91 7.88 3.05
N PHE A 167 0.06 7.04 2.70
CA PHE A 167 0.99 6.41 3.69
C PHE A 167 2.36 7.09 3.66
N PHE A 168 2.79 7.53 4.84
CA PHE A 168 4.03 8.27 5.03
C PHE A 168 5.01 7.39 5.79
N SER A 169 6.20 7.22 5.26
CA SER A 169 7.18 6.30 5.84
C SER A 169 8.59 6.67 5.40
N THR A 170 9.58 5.92 5.87
CA THR A 170 10.94 6.10 5.34
C THR A 170 11.56 4.75 5.11
N ASP A 171 12.72 4.72 4.47
CA ASP A 171 13.41 3.46 4.25
C ASP A 171 14.62 3.29 5.20
N ALA A 172 14.48 3.75 6.44
CA ALA A 172 15.52 3.58 7.45
C ALA A 172 16.04 2.15 7.47
N ASN A 173 17.36 2.01 7.58
CA ASN A 173 18.00 0.70 7.64
C ASN A 173 19.10 0.56 8.68
N ASP A 174 19.20 1.48 9.63
CA ASP A 174 20.23 1.42 10.69
C ASP A 174 20.22 0.10 11.50
N LEU A 175 19.03 -0.33 11.92
CA LEU A 175 18.90 -1.60 12.67
C LEU A 175 19.28 -2.79 11.79
N SER A 176 18.89 -2.73 10.51
CA SER A 176 19.22 -3.77 9.58
C SER A 176 20.74 -3.88 9.35
N LYS A 177 21.41 -2.73 9.26
CA LYS A 177 22.84 -2.70 9.11
C LYS A 177 23.54 -3.26 10.35
N ILE A 178 23.06 -2.87 11.52
CA ILE A 178 23.62 -3.32 12.79
C ILE A 178 23.58 -4.85 12.81
N HIS A 179 22.43 -5.43 12.48
CA HIS A 179 22.31 -6.87 12.53
C HIS A 179 23.21 -7.53 11.51
N SER A 180 23.26 -6.95 10.32
CA SER A 180 24.10 -7.48 9.24
C SER A 180 25.58 -7.53 9.64
N ILE A 181 26.08 -6.46 10.28
CA ILE A 181 27.48 -6.39 10.71
C ILE A 181 27.77 -7.42 11.80
N LEU A 182 26.84 -7.57 12.74
CA LEU A 182 26.99 -8.54 13.82
C LEU A 182 26.99 -9.96 13.26
N ASP A 183 26.03 -10.23 12.37
CA ASP A 183 25.86 -11.53 11.76
C ASP A 183 27.11 -11.94 10.96
N ASN A 184 27.59 -11.03 10.15
CA ASN A 184 28.78 -11.31 9.33
C ASN A 184 29.97 -11.62 10.22
N GLU A 185 30.07 -10.91 11.33
CA GLU A 185 31.19 -11.08 12.24
C GLU A 185 31.11 -12.37 13.05
N PHE A 186 29.91 -12.76 13.49
CA PHE A 186 29.77 -13.90 14.42
C PHE A 186 29.26 -15.22 13.84
N ASN A 187 28.52 -15.18 12.74
CA ASN A 187 27.95 -16.40 12.19
C ASN A 187 28.95 -17.11 11.28
N PRO A 188 29.27 -18.39 11.59
CA PRO A 188 30.11 -19.19 10.68
C PRO A 188 29.37 -19.61 9.39
N HIS A 189 28.05 -19.62 9.45
CA HIS A 189 27.19 -19.97 8.33
C HIS A 189 26.96 -18.74 7.43
N ASN B 29 26.77 -6.25 4.46
CA ASN B 29 25.75 -5.34 3.84
C ASN B 29 24.34 -5.80 4.15
N THR B 30 23.36 -4.94 3.90
CA THR B 30 21.94 -5.28 4.08
C THR B 30 21.31 -5.90 2.83
N GLU B 31 22.10 -6.00 1.75
CA GLU B 31 21.68 -6.71 0.55
C GLU B 31 22.46 -8.01 0.42
N THR B 32 21.75 -9.09 0.09
CA THR B 32 22.38 -10.37 -0.15
C THR B 32 21.82 -11.00 -1.44
N LYS B 33 22.69 -11.77 -2.11
CA LYS B 33 22.31 -12.49 -3.32
C LYS B 33 21.15 -13.44 -3.01
N ALA B 34 20.09 -13.34 -3.81
CA ALA B 34 18.93 -14.21 -3.71
C ALA B 34 18.96 -15.14 -4.92
N THR B 35 19.10 -16.43 -4.68
CA THR B 35 19.17 -17.40 -5.76
C THR B 35 17.76 -17.74 -6.23
N ILE B 36 17.40 -17.24 -7.41
CA ILE B 36 16.14 -17.62 -8.03
C ILE B 36 16.39 -18.40 -9.32
N ALA B 37 16.91 -17.73 -10.35
CA ALA B 37 17.11 -18.37 -11.65
C ALA B 37 18.35 -19.25 -11.66
N ARG B 38 19.30 -18.98 -10.76
CA ARG B 38 20.61 -19.66 -10.74
C ARG B 38 21.40 -19.41 -12.04
N LYS B 39 21.15 -18.26 -12.69
CA LYS B 39 21.83 -17.90 -13.94
C LYS B 39 22.44 -16.50 -13.88
N GLY B 40 22.73 -16.01 -12.68
CA GLY B 40 23.38 -14.71 -12.51
C GLY B 40 22.61 -13.53 -13.08
N GLU B 41 21.28 -13.60 -13.03
CA GLU B 41 20.42 -12.50 -13.50
C GLU B 41 20.55 -11.26 -12.61
N GLY B 42 20.82 -11.47 -11.32
CA GLY B 42 21.06 -10.38 -10.36
C GLY B 42 20.03 -10.21 -9.25
N SER B 43 19.24 -11.25 -8.95
CA SER B 43 18.22 -11.15 -7.91
C SER B 43 18.86 -11.00 -6.53
N VAL B 44 18.27 -10.13 -5.70
N VAL B 44 18.31 -10.12 -5.70
CA VAL B 44 18.81 -9.73 -4.41
CA VAL B 44 18.82 -9.91 -4.35
C VAL B 44 17.71 -9.57 -3.33
C VAL B 44 17.70 -9.69 -3.34
N LEU B 45 18.07 -9.84 -2.07
CA LEU B 45 17.16 -9.59 -0.94
C LEU B 45 17.77 -8.52 -0.05
N GLU B 46 17.01 -7.45 0.19
CA GLU B 46 17.46 -6.38 1.07
C GLU B 46 16.57 -6.33 2.32
N GLN B 47 17.17 -6.08 3.46
CA GLN B 47 16.43 -5.82 4.66
C GLN B 47 16.48 -4.33 4.94
N ILE B 48 15.31 -3.75 5.18
CA ILE B 48 15.25 -2.44 5.82
C ILE B 48 14.51 -2.59 7.15
N ASP B 49 14.42 -1.51 7.92
CA ASP B 49 13.93 -1.60 9.29
C ASP B 49 12.43 -1.87 9.41
N GLN B 50 11.66 -1.53 8.37
CA GLN B 50 10.24 -1.85 8.40
C GLN B 50 9.83 -2.99 7.47
N GLY B 51 10.79 -3.71 6.89
CA GLY B 51 10.48 -4.93 6.12
C GLY B 51 11.56 -5.46 5.21
N SER B 52 11.18 -6.37 4.31
CA SER B 52 12.08 -7.06 3.42
C SER B 52 11.70 -6.78 1.97
N ILE B 53 12.71 -6.70 1.10
CA ILE B 53 12.51 -6.40 -0.30
C ILE B 53 13.23 -7.46 -1.13
N LEU B 54 12.47 -8.17 -1.95
CA LEU B 54 13.04 -9.09 -2.93
C LEU B 54 13.06 -8.32 -4.24
N LYS B 55 14.24 -8.16 -4.81
CA LYS B 55 14.44 -7.44 -6.07
C LYS B 55 14.72 -8.39 -7.23
N LEU B 56 13.91 -8.29 -8.28
CA LEU B 56 13.90 -9.22 -9.40
C LEU B 56 14.19 -8.47 -10.71
N PRO B 57 15.29 -8.81 -11.36
CA PRO B 57 15.63 -8.10 -12.59
C PRO B 57 14.63 -8.37 -13.72
N SER B 58 14.53 -7.40 -14.61
CA SER B 58 13.63 -7.48 -15.76
C SER B 58 13.73 -8.79 -16.54
N ASN B 59 14.96 -9.19 -16.89
N ASN B 59 14.94 -9.20 -16.87
CA ASN B 59 15.23 -10.38 -17.72
CA ASN B 59 15.16 -10.36 -17.74
C ASN B 59 14.76 -11.68 -17.06
C ASN B 59 14.84 -11.69 -17.05
N LEU B 60 14.73 -11.68 -15.72
CA LEU B 60 14.24 -12.84 -14.97
C LEU B 60 12.76 -13.05 -15.33
N LEU B 61 11.98 -11.99 -15.23
CA LEU B 61 10.50 -12.08 -15.27
C LEU B 61 9.89 -11.83 -16.64
N PHE B 62 10.44 -10.85 -17.36
CA PHE B 62 9.78 -10.33 -18.56
C PHE B 62 10.55 -10.61 -19.84
N GLU B 63 9.81 -10.70 -20.94
CA GLU B 63 10.39 -10.88 -22.26
C GLU B 63 11.29 -9.68 -22.65
N ASN B 64 10.92 -8.49 -22.19
CA ASN B 64 11.73 -7.27 -22.40
C ASN B 64 11.39 -6.18 -21.37
N ALA B 65 12.07 -5.03 -21.43
CA ALA B 65 11.88 -3.96 -20.45
C ALA B 65 10.79 -2.97 -20.85
N THR B 66 10.19 -3.17 -22.01
CA THR B 66 9.28 -2.19 -22.59
C THR B 66 7.84 -2.70 -22.60
N SER B 67 7.60 -3.82 -21.92
CA SER B 67 6.30 -4.47 -21.93
C SER B 67 6.09 -5.31 -20.68
N ASP B 68 4.93 -5.95 -20.57
CA ASP B 68 4.61 -6.76 -19.38
C ASP B 68 4.39 -8.25 -19.69
N ALA B 69 4.83 -8.72 -20.85
CA ALA B 69 4.74 -10.15 -21.17
C ALA B 69 5.71 -10.92 -20.29
N ILE B 70 5.18 -11.71 -19.36
CA ILE B 70 6.01 -12.55 -18.50
C ILE B 70 6.70 -13.62 -19.35
N ASN B 71 7.90 -14.01 -18.96
N ASN B 71 7.91 -14.00 -18.95
CA ASN B 71 8.55 -15.15 -19.58
CA ASN B 71 8.59 -15.19 -19.48
C ASN B 71 7.96 -16.44 -19.02
C ASN B 71 7.89 -16.44 -18.97
N GLN B 72 7.29 -17.21 -19.87
CA GLN B 72 6.66 -18.48 -19.47
C GLN B 72 7.69 -19.43 -18.84
N ASP B 73 8.94 -19.36 -19.31
CA ASP B 73 10.06 -20.10 -18.74
C ASP B 73 10.21 -19.96 -17.24
N MET B 74 9.74 -18.85 -16.68
CA MET B 74 10.11 -18.46 -15.33
C MET B 74 8.92 -18.48 -14.37
N MET B 75 7.75 -18.93 -14.85
CA MET B 75 6.56 -19.13 -14.02
C MET B 75 6.90 -19.91 -12.78
N LEU B 76 7.86 -20.83 -12.95
CA LEU B 76 8.49 -21.59 -11.88
C LEU B 76 8.99 -20.71 -10.75
N TYR B 77 9.60 -19.58 -11.09
CA TYR B 77 10.16 -18.66 -10.09
C TYR B 77 9.08 -17.98 -9.27
N ILE B 78 8.04 -17.48 -9.94
CA ILE B 78 6.97 -16.81 -9.21
C ILE B 78 6.23 -17.81 -8.35
N GLU B 79 6.01 -19.01 -8.90
CA GLU B 79 5.42 -20.07 -8.11
C GLU B 79 6.23 -20.32 -6.83
N ARG B 80 7.55 -20.39 -6.96
CA ARG B 80 8.39 -20.60 -5.79
C ARG B 80 8.17 -19.50 -4.78
N ILE B 81 8.11 -18.26 -5.25
CA ILE B 81 7.90 -17.13 -4.37
C ILE B 81 6.52 -17.23 -3.69
N ALA B 82 5.52 -17.68 -4.44
CA ALA B 82 4.18 -17.86 -3.87
C ALA B 82 4.16 -18.91 -2.76
N LYS B 83 4.87 -20.03 -2.96
CA LYS B 83 4.99 -21.06 -1.93
C LYS B 83 5.61 -20.51 -0.64
N ILE B 84 6.70 -19.76 -0.78
CA ILE B 84 7.42 -19.18 0.36
C ILE B 84 6.55 -18.18 1.13
N ILE B 85 5.73 -17.42 0.40
CA ILE B 85 4.80 -16.47 1.01
C ILE B 85 3.86 -17.11 1.98
N GLN B 86 3.36 -18.30 1.63
CA GLN B 86 2.43 -19.01 2.50
C GLN B 86 3.09 -19.61 3.75
N LYS B 87 4.43 -19.54 3.82
CA LYS B 87 5.18 -19.88 5.04
C LYS B 87 5.40 -18.70 6.02
N LEU B 88 5.10 -17.48 5.59
CA LEU B 88 5.37 -16.29 6.41
C LEU B 88 4.27 -16.05 7.48
N PRO B 89 4.57 -15.23 8.50
CA PRO B 89 3.54 -14.90 9.51
C PRO B 89 2.27 -14.37 8.86
N LYS B 90 1.10 -14.80 9.35
CA LYS B 90 -0.18 -14.46 8.70
C LYS B 90 -0.53 -12.95 8.64
N ARG B 91 0.19 -12.14 9.40
CA ARG B 91 -0.04 -10.72 9.38
C ARG B 91 0.67 -10.04 8.18
N VAL B 92 1.35 -10.82 7.35
CA VAL B 92 2.22 -10.23 6.33
C VAL B 92 1.37 -9.62 5.21
N HIS B 93 1.80 -8.47 4.74
CA HIS B 93 1.27 -7.84 3.53
C HIS B 93 2.38 -7.83 2.51
N ILE B 94 2.00 -8.04 1.25
CA ILE B 94 2.96 -8.14 0.16
C ILE B 94 2.59 -7.08 -0.89
N ASN B 95 3.53 -6.21 -1.22
CA ASN B 95 3.33 -5.17 -2.22
C ASN B 95 4.34 -5.33 -3.35
N VAL B 96 3.83 -5.55 -4.57
CA VAL B 96 4.67 -5.76 -5.74
C VAL B 96 4.88 -4.41 -6.39
N ARG B 97 6.16 -3.98 -6.48
CA ARG B 97 6.51 -2.63 -6.90
C ARG B 97 7.16 -2.65 -8.28
N GLY B 98 6.64 -1.80 -9.18
CA GLY B 98 7.14 -1.69 -10.54
C GLY B 98 7.89 -0.39 -10.75
N PHE B 99 8.94 -0.47 -11.59
CA PHE B 99 9.88 0.63 -11.80
C PHE B 99 10.32 0.61 -13.25
N THR B 100 10.73 1.75 -13.77
CA THR B 100 11.32 1.80 -15.13
C THR B 100 12.58 2.65 -15.14
N ASP B 101 13.40 2.49 -16.18
CA ASP B 101 14.47 3.45 -16.49
C ASP B 101 13.78 4.71 -17.03
N ASP B 102 14.54 5.78 -17.30
CA ASP B 102 13.91 7.03 -17.74
C ASP B 102 14.01 7.35 -19.24
N THR B 103 14.24 6.30 -20.04
N THR B 103 14.28 6.35 -20.08
CA THR B 103 14.27 6.37 -21.51
CA THR B 103 14.37 6.60 -21.51
C THR B 103 12.87 6.58 -22.10
C THR B 103 12.97 6.57 -22.12
N PRO B 104 12.77 7.33 -23.22
CA PRO B 104 11.42 7.48 -23.79
C PRO B 104 10.74 6.16 -24.14
N LEU B 105 9.43 6.08 -23.93
CA LEU B 105 8.62 5.05 -24.58
C LEU B 105 7.88 5.68 -25.76
N VAL B 106 8.19 5.20 -26.94
CA VAL B 106 7.68 5.79 -28.17
C VAL B 106 7.01 4.76 -29.10
N LYS B 107 7.13 3.48 -28.75
CA LYS B 107 6.82 2.38 -29.67
C LYS B 107 5.55 1.59 -29.38
N THR B 108 5.05 1.64 -28.15
CA THR B 108 4.08 0.66 -27.67
C THR B 108 2.70 1.20 -27.23
N ARG B 109 1.90 0.28 -26.73
CA ARG B 109 0.59 0.54 -26.16
C ARG B 109 0.64 1.24 -24.80
N PHE B 110 1.84 1.35 -24.20
CA PHE B 110 2.00 2.03 -22.90
C PHE B 110 2.30 3.50 -23.12
N LYS B 111 1.60 4.34 -22.38
CA LYS B 111 1.63 5.77 -22.63
C LYS B 111 2.44 6.56 -21.61
N SER B 112 2.97 5.89 -20.60
CA SER B 112 3.78 6.52 -19.55
C SER B 112 4.64 5.47 -18.85
N HIS B 113 5.73 5.89 -18.23
CA HIS B 113 6.50 5.00 -17.37
C HIS B 113 5.68 4.52 -16.17
N TYR B 114 4.82 5.38 -15.63
CA TYR B 114 3.94 4.98 -14.51
C TYR B 114 3.05 3.83 -14.94
N GLU B 115 2.50 3.92 -16.16
CA GLU B 115 1.58 2.89 -16.64
C GLU B 115 2.30 1.58 -16.89
N LEU B 116 3.42 1.63 -17.61
CA LEU B 116 4.21 0.42 -17.82
C LEU B 116 4.63 -0.24 -16.49
N ALA B 117 5.15 0.54 -15.56
CA ALA B 117 5.58 -0.01 -14.27
C ALA B 117 4.39 -0.65 -13.51
N ALA B 118 3.22 -0.02 -13.57
CA ALA B 118 2.00 -0.55 -12.91
C ALA B 118 1.61 -1.87 -13.53
N ASN B 119 1.63 -1.96 -14.86
CA ASN B 119 1.27 -3.21 -15.51
C ASN B 119 2.21 -4.35 -15.22
N ARG B 120 3.50 -4.05 -15.21
CA ARG B 120 4.49 -5.07 -14.83
C ARG B 120 4.29 -5.59 -13.43
N ALA B 121 4.04 -4.71 -12.48
CA ALA B 121 3.76 -5.11 -11.09
C ALA B 121 2.45 -5.89 -10.98
N TYR B 122 1.41 -5.44 -11.68
CA TYR B 122 0.14 -6.12 -11.72
C TYR B 122 0.23 -7.55 -12.22
N ARG B 123 1.02 -7.74 -13.26
CA ARG B 123 1.15 -9.08 -13.82
C ARG B 123 1.84 -10.06 -12.82
N VAL B 124 2.84 -9.57 -12.10
CA VAL B 124 3.55 -10.40 -11.13
C VAL B 124 2.61 -10.73 -9.96
N MET B 125 1.87 -9.74 -9.53
CA MET B 125 0.84 -9.91 -8.51
C MET B 125 -0.20 -10.98 -8.87
N LYS B 126 -0.69 -10.92 -10.09
CA LYS B 126 -1.70 -11.84 -10.57
C LYS B 126 -1.17 -13.26 -10.66
N VAL B 127 0.10 -13.41 -11.02
CA VAL B 127 0.69 -14.74 -11.02
C VAL B 127 0.79 -15.28 -9.58
N LEU B 128 1.14 -14.44 -8.63
CA LEU B 128 1.20 -14.87 -7.23
C LEU B 128 -0.17 -15.37 -6.75
N ILE B 129 -1.21 -14.64 -7.13
CA ILE B 129 -2.58 -15.05 -6.87
C ILE B 129 -2.90 -16.38 -7.57
N GLN B 130 -2.40 -16.57 -8.79
CA GLN B 130 -2.67 -17.84 -9.51
C GLN B 130 -2.06 -19.01 -8.75
N TYR B 131 -0.91 -18.78 -8.12
CA TYR B 131 -0.25 -19.81 -7.32
C TYR B 131 -0.61 -19.82 -5.83
N GLY B 132 -1.72 -19.17 -5.46
CA GLY B 132 -2.33 -19.37 -4.16
C GLY B 132 -2.16 -18.31 -3.09
N VAL B 133 -1.48 -17.21 -3.40
CA VAL B 133 -1.37 -16.12 -2.43
C VAL B 133 -2.74 -15.46 -2.36
N ASN B 134 -3.18 -15.21 -1.12
CA ASN B 134 -4.43 -14.57 -0.81
C ASN B 134 -4.45 -13.13 -1.37
N PRO B 135 -5.43 -12.79 -2.23
CA PRO B 135 -5.55 -11.40 -2.75
C PRO B 135 -5.70 -10.32 -1.69
N ASN B 136 -6.21 -10.70 -0.53
CA ASN B 136 -6.36 -9.77 0.57
C ASN B 136 -5.04 -9.29 1.12
N GLN B 137 -3.96 -10.03 0.86
CA GLN B 137 -2.63 -9.68 1.36
C GLN B 137 -1.77 -9.05 0.29
N LEU B 138 -2.33 -8.80 -0.89
CA LEU B 138 -1.57 -8.33 -2.04
C LEU B 138 -2.01 -6.99 -2.58
N SER B 139 -1.02 -6.21 -3.00
CA SER B 139 -1.28 -4.96 -3.68
C SER B 139 -0.17 -4.76 -4.70
N PHE B 140 -0.35 -3.82 -5.62
CA PHE B 140 0.71 -3.48 -6.56
C PHE B 140 0.89 -2.00 -6.63
N SER B 141 2.12 -1.61 -6.95
CA SER B 141 2.53 -0.19 -6.92
C SER B 141 3.33 0.15 -8.16
N SER B 142 3.35 1.44 -8.50
CA SER B 142 4.19 1.96 -9.55
C SER B 142 4.93 3.19 -9.09
N TYR B 143 6.24 3.20 -9.38
CA TYR B 143 7.11 4.34 -9.12
C TYR B 143 7.48 5.02 -10.45
N GLY B 144 7.04 4.48 -11.59
CA GLY B 144 7.43 5.02 -12.88
C GLY B 144 8.95 5.00 -12.97
N SER B 145 9.52 6.10 -13.44
CA SER B 145 10.98 6.20 -13.62
C SER B 145 11.67 6.83 -12.40
N THR B 146 10.93 7.06 -11.32
CA THR B 146 11.50 7.65 -10.10
C THR B 146 12.20 6.56 -9.27
N ASN B 147 12.95 6.98 -8.26
N ASN B 147 12.98 6.98 -8.28
CA ASN B 147 13.63 6.04 -7.36
CA ASN B 147 13.60 6.02 -7.36
C ASN B 147 14.42 4.95 -8.12
C ASN B 147 14.44 4.94 -8.10
N PRO B 148 15.39 5.37 -8.94
CA PRO B 148 16.23 4.40 -9.66
C PRO B 148 17.17 3.68 -8.70
N ILE B 149 17.44 2.41 -9.00
N ILE B 149 17.45 2.41 -8.99
CA ILE B 149 18.39 1.63 -8.22
CA ILE B 149 18.40 1.64 -8.19
C ILE B 149 19.83 2.00 -8.60
C ILE B 149 19.84 1.96 -8.62
N ALA B 150 20.01 2.48 -9.84
CA ALA B 150 21.30 2.91 -10.35
C ALA B 150 21.10 4.17 -11.20
N PRO B 151 22.13 5.06 -11.28
CA PRO B 151 21.93 6.21 -12.16
C PRO B 151 21.65 5.79 -13.59
N ASN B 152 20.81 6.53 -14.31
CA ASN B 152 20.44 6.16 -15.68
C ASN B 152 21.53 6.60 -16.67
N ASP B 153 22.78 6.33 -16.32
CA ASP B 153 23.96 6.87 -17.03
C ASP B 153 24.62 5.89 -18.01
N SER B 154 24.32 4.60 -17.89
CA SER B 154 24.82 3.59 -18.84
C SER B 154 23.70 2.65 -19.25
N LEU B 155 23.89 1.97 -20.37
CA LEU B 155 22.89 1.02 -20.86
C LEU B 155 22.54 -0.03 -19.80
N GLU B 156 23.58 -0.60 -19.16
CA GLU B 156 23.39 -1.62 -18.12
C GLU B 156 22.72 -1.09 -16.85
N ASN B 157 23.07 0.14 -16.45
CA ASN B 157 22.45 0.72 -15.27
C ASN B 157 20.98 1.02 -15.52
N ARG B 158 20.66 1.54 -16.70
CA ARG B 158 19.27 1.73 -17.09
C ARG B 158 18.48 0.46 -16.99
N MET B 159 19.02 -0.63 -17.52
CA MET B 159 18.31 -1.90 -17.49
CA MET B 159 18.33 -1.92 -17.48
C MET B 159 18.04 -2.35 -16.05
N LYS B 160 19.00 -2.12 -15.15
CA LYS B 160 18.80 -2.46 -13.73
C LYS B 160 17.55 -1.80 -13.16
N ASN B 161 17.23 -0.60 -13.67
CA ASN B 161 16.12 0.17 -13.13
C ASN B 161 14.74 -0.35 -13.53
N ASN B 162 14.70 -1.31 -14.45
CA ASN B 162 13.49 -1.98 -14.87
C ASN B 162 13.15 -3.19 -14.01
N ARG B 163 13.78 -3.32 -12.85
CA ARG B 163 13.43 -4.39 -11.91
C ARG B 163 12.00 -4.26 -11.35
N VAL B 164 11.49 -5.37 -10.83
CA VAL B 164 10.30 -5.37 -9.95
C VAL B 164 10.80 -5.63 -8.52
N GLU B 165 10.23 -4.97 -7.52
CA GLU B 165 10.62 -5.22 -6.13
C GLU B 165 9.41 -5.68 -5.32
N ILE B 166 9.55 -6.76 -4.54
CA ILE B 166 8.43 -7.23 -3.73
C ILE B 166 8.74 -6.90 -2.29
N PHE B 167 7.88 -6.08 -1.68
CA PHE B 167 8.07 -5.60 -0.30
C PHE B 167 7.12 -6.35 0.65
N PHE B 168 7.73 -6.91 1.70
CA PHE B 168 7.05 -7.66 2.72
C PHE B 168 7.06 -6.87 4.02
N SER B 169 5.89 -6.69 4.61
CA SER B 169 5.75 -5.89 5.84
C SER B 169 4.51 -6.32 6.64
N THR B 170 4.27 -5.66 7.77
CA THR B 170 3.02 -5.83 8.53
C THR B 170 2.49 -4.45 8.95
N ASP B 171 1.24 -4.40 9.39
CA ASP B 171 0.70 -3.15 9.91
C ASP B 171 0.64 -3.12 11.43
N ALA B 172 1.65 -3.68 12.07
CA ALA B 172 1.80 -3.68 13.53
C ALA B 172 1.55 -2.28 14.08
N ASN B 173 0.80 -2.20 15.18
CA ASN B 173 0.52 -0.92 15.83
C ASN B 173 0.57 -0.94 17.37
N ASP B 174 1.24 -1.93 17.97
CA ASP B 174 1.37 -2.03 19.41
C ASP B 174 2.01 -0.81 20.03
N LEU B 175 3.11 -0.37 19.46
CA LEU B 175 3.82 0.79 19.97
C LEU B 175 2.98 2.03 19.87
N SER B 176 2.31 2.16 18.74
CA SER B 176 1.41 3.29 18.54
C SER B 176 0.30 3.31 19.58
N LYS B 177 -0.24 2.14 19.90
CA LYS B 177 -1.31 2.01 20.92
C LYS B 177 -0.75 2.38 22.29
N ILE B 178 0.46 1.91 22.59
CA ILE B 178 1.10 2.23 23.85
C ILE B 178 1.20 3.74 24.00
N HIS B 179 1.74 4.39 22.97
CA HIS B 179 1.88 5.82 23.07
C HIS B 179 0.54 6.56 23.22
N SER B 180 -0.48 6.14 22.51
CA SER B 180 -1.81 6.78 22.58
C SER B 180 -2.37 6.70 23.99
N ILE B 181 -2.23 5.53 24.61
CA ILE B 181 -2.70 5.33 25.98
C ILE B 181 -1.95 6.21 26.97
N LEU B 182 -0.63 6.22 26.90
CA LEU B 182 0.17 7.09 27.76
C LEU B 182 -0.15 8.57 27.54
N ASP B 183 -0.31 8.97 26.27
CA ASP B 183 -0.61 10.37 25.94
C ASP B 183 -1.97 10.81 26.50
N ASN B 184 -2.97 9.95 26.33
N ASN B 184 -2.97 9.94 26.35
CA ASN B 184 -4.32 10.19 26.86
CA ASN B 184 -4.32 10.18 26.86
C ASN B 184 -4.35 10.28 28.39
C ASN B 184 -4.37 10.26 28.38
N GLU B 185 -3.53 9.47 29.06
CA GLU B 185 -3.46 9.51 30.52
C GLU B 185 -2.67 10.68 31.07
N PHE B 186 -1.62 11.11 30.39
CA PHE B 186 -0.68 12.12 30.93
C PHE B 186 -0.73 13.48 30.23
N ASN B 187 -0.98 13.49 28.93
CA ASN B 187 -1.14 14.75 28.21
C ASN B 187 -2.54 15.30 28.56
N PRO B 188 -3.63 14.85 27.88
CA PRO B 188 -4.93 15.19 28.48
C PRO B 188 -5.44 14.08 29.40
S SO4 C . -10.90 -7.30 -9.89
O1 SO4 C . -11.34 -8.25 -8.87
O2 SO4 C . -10.27 -8.11 -10.92
O3 SO4 C . -12.07 -6.64 -10.51
O4 SO4 C . -9.99 -6.29 -9.34
S SO4 D . 19.38 -15.28 -10.30
O1 SO4 D . 20.03 -13.98 -10.09
O2 SO4 D . 17.93 -15.14 -10.10
O3 SO4 D . 19.58 -15.75 -11.68
O4 SO4 D . 19.85 -16.27 -9.31
S SO4 E . 5.92 9.30 -17.14
O1 SO4 E . 7.08 10.08 -16.72
O2 SO4 E . 4.73 10.13 -17.16
O3 SO4 E . 6.19 8.69 -18.44
O4 SO4 E . 5.74 8.22 -16.15
#